data_2AT9
#
_entry.id   2AT9
#
_cell.length_a   62.450
_cell.length_b   62.450
_cell.length_c   100.000
_cell.angle_alpha   90.00
_cell.angle_beta   90.00
_cell.angle_gamma   120.00
#
_symmetry.space_group_name_H-M   'P 3'
#
loop_
_entity.id
_entity.type
_entity.pdbx_description
1 polymer BACTERIORHODOPSIN
2 non-polymer RETINAL
3 non-polymer 3-[[3-METHYLPHOSPHONO-GLYCEROLYL]PHOSPHONYL]-[1,2-DI[2,6,10,14-TETRAMETHYL-HEXADECAN-16-YL]GLYCEROL
4 water water
#
_entity_poly.entity_id   1
_entity_poly.type   'polypeptide(L)'
_entity_poly.pdbx_seq_one_letter_code
;(PCA)AQITGRPEWIWLALGTALMGLGTLYFLVKGMGVSDPDAKKFYAITTLVPAIAFTMYLSMLLGYGLTMVPFGGEQN
PIYWARYADWLFTTPLLLLDLALLVDADQGTILALVGADGIMIGTGLVGALTKVYSYRFVWWAISTAAMLYILYVLFFGF
TSKAESMRPEVASTFKVLRNVTVVLWSAYPVVWLIGSEGAGIVPLNIETLLFMVLDVSAKVGFGLILLRSRAIFGEAEAP
EPSAGDGAAATS
;
_entity_poly.pdbx_strand_id   A
#
# COMPACT_ATOMS: atom_id res chain seq x y z
N GLY A 6 -22.45 -8.38 -16.11
CA GLY A 6 -22.05 -9.31 -15.00
C GLY A 6 -20.68 -8.96 -14.44
N ARG A 7 -20.55 -8.96 -13.13
CA ARG A 7 -19.28 -8.61 -12.50
C ARG A 7 -18.63 -9.79 -11.81
N PRO A 8 -17.72 -10.46 -12.51
CA PRO A 8 -17.02 -11.61 -11.97
C PRO A 8 -15.77 -11.26 -11.16
N GLU A 9 -15.57 -9.99 -10.83
CA GLU A 9 -14.40 -9.64 -10.03
C GLU A 9 -14.93 -9.68 -8.62
N TRP A 10 -16.25 -9.80 -8.54
CA TRP A 10 -16.97 -9.84 -7.28
C TRP A 10 -16.30 -10.74 -6.22
N ILE A 11 -15.89 -11.96 -6.60
CA ILE A 11 -15.30 -12.86 -5.60
C ILE A 11 -13.92 -12.46 -5.04
N TRP A 12 -13.01 -12.02 -5.91
CA TRP A 12 -11.68 -11.61 -5.45
C TRP A 12 -11.82 -10.32 -4.65
N LEU A 13 -12.87 -9.57 -4.94
CA LEU A 13 -13.15 -8.30 -4.26
C LEU A 13 -14.11 -8.59 -3.11
N ALA A 14 -14.68 -9.79 -3.10
CA ALA A 14 -15.61 -10.18 -2.05
C ALA A 14 -14.82 -10.82 -0.93
N LEU A 15 -13.53 -10.99 -1.18
CA LEU A 15 -12.63 -11.62 -0.23
C LEU A 15 -11.61 -10.69 0.44
N GLY A 16 -11.49 -9.46 -0.06
CA GLY A 16 -10.56 -8.52 0.53
C GLY A 16 -11.19 -7.75 1.68
N THR A 17 -12.51 -7.86 1.81
CA THR A 17 -13.26 -7.20 2.87
C THR A 17 -13.03 -8.03 4.11
N ALA A 18 -13.30 -9.32 3.97
CA ALA A 18 -13.15 -10.30 5.05
C ALA A 18 -11.73 -10.26 5.64
N LEU A 19 -10.74 -10.56 4.80
CA LEU A 19 -9.35 -10.57 5.20
C LEU A 19 -8.91 -9.30 5.92
N MET A 20 -9.10 -8.17 5.25
CA MET A 20 -8.68 -6.88 5.80
C MET A 20 -9.50 -6.54 7.01
N GLY A 21 -10.81 -6.81 6.91
CA GLY A 21 -11.75 -6.54 7.97
C GLY A 21 -11.54 -7.32 9.24
N LEU A 22 -11.25 -8.60 9.10
CA LEU A 22 -11.02 -9.45 10.26
C LEU A 22 -9.63 -9.17 10.81
N GLY A 23 -8.77 -8.63 9.96
CA GLY A 23 -7.41 -8.31 10.34
C GLY A 23 -7.41 -7.18 11.34
N THR A 24 -8.37 -6.28 11.17
CA THR A 24 -8.52 -5.14 12.07
C THR A 24 -9.09 -5.67 13.37
N LEU A 25 -10.27 -6.29 13.25
CA LEU A 25 -10.96 -6.84 14.40
C LEU A 25 -9.99 -7.66 15.21
N TYR A 26 -8.80 -7.89 14.64
CA TYR A 26 -7.80 -8.68 15.32
C TYR A 26 -6.72 -7.86 16.03
N PHE A 27 -6.44 -6.64 15.60
CA PHE A 27 -5.39 -5.92 16.28
C PHE A 27 -5.85 -5.18 17.52
N LEU A 28 -7.11 -4.76 17.58
CA LEU A 28 -7.57 -4.04 18.79
C LEU A 28 -7.53 -5.01 19.96
N VAL A 29 -8.26 -6.10 19.76
CA VAL A 29 -8.38 -7.20 20.70
C VAL A 29 -7.03 -7.47 21.34
N LYS A 30 -6.04 -7.70 20.48
CA LYS A 30 -4.69 -7.97 20.93
C LYS A 30 -3.99 -6.68 21.33
N GLY A 31 -4.49 -5.55 20.85
CA GLY A 31 -3.87 -4.26 21.13
C GLY A 31 -3.93 -3.67 22.51
N MET A 32 -2.76 -3.48 23.14
CA MET A 32 -2.64 -2.90 24.49
C MET A 32 -1.20 -2.44 24.75
N GLY A 33 -0.98 -1.68 25.81
CA GLY A 33 0.37 -1.18 26.13
C GLY A 33 0.81 -1.49 27.55
N VAL A 34 1.92 -2.24 27.70
CA VAL A 34 2.42 -2.70 29.02
C VAL A 34 3.34 -1.82 29.92
N SER A 35 4.44 -1.28 29.39
CA SER A 35 5.31 -0.44 30.23
C SER A 35 5.73 0.84 29.54
N ASP A 36 5.71 0.81 28.22
CA ASP A 36 6.12 1.97 27.44
C ASP A 36 5.07 2.27 26.38
N PRO A 37 4.37 3.42 26.51
CA PRO A 37 3.35 3.82 25.55
C PRO A 37 4.05 4.13 24.24
N ASP A 38 5.00 3.28 23.90
CA ASP A 38 5.79 3.36 22.70
C ASP A 38 5.09 2.49 21.68
N ALA A 39 4.86 1.24 22.07
CA ALA A 39 4.16 0.32 21.18
C ALA A 39 2.77 0.90 20.98
N LYS A 40 2.38 1.76 21.92
CA LYS A 40 1.10 2.41 21.90
C LYS A 40 0.91 3.18 20.61
N LYS A 41 1.90 3.98 20.24
CA LYS A 41 1.84 4.75 18.99
C LYS A 41 1.68 3.76 17.84
N PHE A 42 2.38 2.64 18.00
CA PHE A 42 2.38 1.57 17.01
C PHE A 42 1.05 0.86 16.93
N TYR A 43 0.75 0.10 17.98
CA TYR A 43 -0.46 -0.69 18.02
C TYR A 43 -1.59 0.06 17.36
N ALA A 44 -1.48 1.39 17.34
CA ALA A 44 -2.50 2.23 16.75
C ALA A 44 -2.41 2.20 15.22
N ILE A 45 -1.39 2.88 14.70
CA ILE A 45 -1.16 2.95 13.27
C ILE A 45 -1.66 1.71 12.55
N THR A 46 -1.01 0.59 12.87
CA THR A 46 -1.28 -0.69 12.28
C THR A 46 -2.71 -1.19 12.28
N THR A 47 -3.55 -0.64 13.15
CA THR A 47 -4.95 -1.06 13.15
C THR A 47 -5.61 -0.25 12.04
N LEU A 48 -5.23 1.02 11.97
CA LEU A 48 -5.75 1.95 11.00
C LEU A 48 -5.58 1.40 9.58
N VAL A 49 -4.35 0.98 9.27
CA VAL A 49 -4.00 0.46 7.95
C VAL A 49 -4.99 -0.55 7.34
N PRO A 50 -5.28 -1.66 8.05
CA PRO A 50 -6.22 -2.63 7.50
C PRO A 50 -7.68 -2.12 7.59
N ALA A 51 -8.00 -1.35 8.62
CA ALA A 51 -9.35 -0.80 8.84
C ALA A 51 -9.78 0.15 7.71
N ILE A 52 -8.93 1.14 7.42
CA ILE A 52 -9.18 2.10 6.35
C ILE A 52 -9.42 1.30 5.08
N ALA A 53 -8.47 0.41 4.77
CA ALA A 53 -8.57 -0.43 3.59
C ALA A 53 -9.94 -1.09 3.50
N PHE A 54 -10.37 -1.70 4.62
CA PHE A 54 -11.64 -2.43 4.72
C PHE A 54 -12.83 -1.67 4.12
N THR A 55 -12.94 -0.38 4.41
CA THR A 55 -14.05 0.38 3.83
C THR A 55 -13.91 0.44 2.32
N MET A 56 -12.66 0.42 1.86
CA MET A 56 -12.33 0.48 0.45
C MET A 56 -12.63 -0.81 -0.32
N TYR A 57 -12.20 -1.94 0.21
CA TYR A 57 -12.49 -3.21 -0.45
C TYR A 57 -14.02 -3.36 -0.46
N LEU A 58 -14.66 -2.89 0.61
CA LEU A 58 -16.11 -2.94 0.72
C LEU A 58 -16.68 -1.95 -0.29
N SER A 59 -16.01 -0.80 -0.47
CA SER A 59 -16.44 0.26 -1.41
C SER A 59 -16.30 -0.15 -2.88
N MET A 60 -15.35 -1.03 -3.17
CA MET A 60 -15.14 -1.54 -4.54
C MET A 60 -16.19 -2.62 -4.67
N LEU A 61 -16.12 -3.51 -3.70
CA LEU A 61 -17.01 -4.66 -3.57
C LEU A 61 -18.48 -4.37 -3.84
N LEU A 62 -18.96 -3.20 -3.43
CA LEU A 62 -20.37 -2.90 -3.63
C LEU A 62 -20.73 -2.31 -4.98
N GLY A 63 -19.72 -1.97 -5.78
CA GLY A 63 -19.99 -1.40 -7.09
C GLY A 63 -20.10 0.12 -7.10
N TYR A 64 -19.52 0.75 -6.09
CA TYR A 64 -19.58 2.20 -5.99
C TYR A 64 -18.30 2.84 -6.50
N GLY A 65 -17.21 2.10 -6.50
CA GLY A 65 -15.95 2.65 -6.94
C GLY A 65 -15.57 2.17 -8.31
N LEU A 66 -16.52 2.15 -9.24
CA LEU A 66 -16.22 1.70 -10.61
C LEU A 66 -16.69 2.63 -11.74
N THR A 67 -15.76 3.43 -12.28
CA THR A 67 -16.06 4.37 -13.37
C THR A 67 -15.93 3.71 -14.74
N MET A 68 -16.21 4.45 -15.81
CA MET A 68 -16.07 3.91 -17.15
C MET A 68 -15.39 4.88 -18.10
N VAL A 69 -14.10 5.11 -17.85
CA VAL A 69 -13.29 6.01 -18.66
C VAL A 69 -12.98 5.42 -20.04
N PRO A 70 -12.97 6.28 -21.09
CA PRO A 70 -12.69 5.92 -22.48
C PRO A 70 -11.26 6.17 -23.02
N PHE A 71 -10.59 5.10 -23.48
CA PHE A 71 -9.26 5.22 -24.06
C PHE A 71 -9.39 5.05 -25.59
N GLY A 72 -9.76 6.14 -26.26
CA GLY A 72 -9.92 6.13 -27.71
C GLY A 72 -9.97 4.76 -28.39
N GLY A 73 -11.01 3.97 -28.11
CA GLY A 73 -11.10 2.67 -28.72
C GLY A 73 -11.94 1.69 -27.95
N GLU A 74 -12.31 2.09 -26.74
CA GLU A 74 -13.12 1.27 -25.85
C GLU A 74 -13.70 2.16 -24.76
N GLN A 75 -14.20 1.54 -23.70
CA GLN A 75 -14.77 2.22 -22.55
C GLN A 75 -14.47 1.24 -21.43
N ASN A 76 -13.36 1.41 -20.73
CA ASN A 76 -13.03 0.43 -19.68
C ASN A 76 -13.19 0.88 -18.25
N PRO A 77 -13.23 -0.09 -17.34
CA PRO A 77 -13.38 0.07 -15.89
C PRO A 77 -12.13 0.46 -15.15
N ILE A 78 -12.27 1.37 -14.21
CA ILE A 78 -11.14 1.82 -13.42
C ILE A 78 -11.56 2.07 -11.99
N TYR A 79 -11.34 1.08 -11.13
CA TYR A 79 -11.74 1.20 -9.75
C TYR A 79 -11.00 2.34 -9.07
N TRP A 80 -11.50 3.54 -9.28
CA TRP A 80 -10.90 4.74 -8.69
C TRP A 80 -10.73 4.61 -7.18
N ALA A 81 -11.58 3.81 -6.53
CA ALA A 81 -11.51 3.63 -5.08
C ALA A 81 -10.30 2.80 -4.67
N ARG A 82 -9.36 2.65 -5.58
CA ARG A 82 -8.15 1.89 -5.33
C ARG A 82 -7.05 2.77 -4.76
N TYR A 83 -6.86 3.91 -5.41
CA TYR A 83 -5.84 4.88 -5.03
C TYR A 83 -6.24 5.56 -3.76
N ALA A 84 -7.53 5.51 -3.45
CA ALA A 84 -8.05 6.12 -2.23
C ALA A 84 -7.54 5.38 -0.97
N ASP A 85 -7.72 4.06 -0.94
CA ASP A 85 -7.25 3.24 0.18
C ASP A 85 -5.73 3.33 0.27
N TRP A 86 -5.06 3.30 -0.89
CA TRP A 86 -3.60 3.39 -0.97
C TRP A 86 -3.12 4.79 -0.62
N LEU A 87 -4.05 5.74 -0.58
CA LEU A 87 -3.67 7.09 -0.27
C LEU A 87 -3.37 7.32 1.20
N PHE A 88 -4.06 6.59 2.09
CA PHE A 88 -3.89 6.73 3.55
C PHE A 88 -3.18 5.62 4.28
N THR A 89 -2.99 4.50 3.60
CA THR A 89 -2.32 3.37 4.22
C THR A 89 -0.82 3.49 4.09
N THR A 90 -0.38 3.90 2.90
CA THR A 90 1.03 4.03 2.62
C THR A 90 1.78 4.99 3.52
N PRO A 91 1.21 6.16 3.79
CA PRO A 91 1.96 7.04 4.67
C PRO A 91 1.91 6.54 6.09
N LEU A 92 1.04 5.57 6.35
CA LEU A 92 0.93 5.03 7.70
C LEU A 92 2.00 3.96 7.92
N LEU A 93 2.26 3.17 6.89
CA LEU A 93 3.26 2.10 6.95
C LEU A 93 4.63 2.74 7.06
N LEU A 94 4.90 3.68 6.16
CA LEU A 94 6.16 4.39 6.15
C LEU A 94 6.43 4.95 7.53
N LEU A 95 5.37 5.09 8.33
CA LEU A 95 5.48 5.62 9.67
C LEU A 95 5.81 4.52 10.65
N ASP A 96 5.25 3.35 10.43
CA ASP A 96 5.53 2.21 11.29
C ASP A 96 7.05 2.02 11.12
N LEU A 97 7.52 2.29 9.91
CA LEU A 97 8.92 2.13 9.57
C LEU A 97 9.89 3.10 10.19
N ALA A 98 9.85 4.33 9.71
CA ALA A 98 10.72 5.40 10.19
C ALA A 98 10.63 5.50 11.71
N LEU A 99 9.43 5.26 12.25
CA LEU A 99 9.30 5.30 13.70
C LEU A 99 10.32 4.29 14.22
N LEU A 100 9.93 3.01 14.19
CA LEU A 100 10.78 1.92 14.62
C LEU A 100 12.24 2.36 14.50
N VAL A 101 12.65 2.68 13.27
CA VAL A 101 14.00 3.15 13.00
C VAL A 101 13.95 4.67 13.18
N ASP A 102 14.11 5.17 14.41
CA ASP A 102 14.06 6.61 14.62
C ASP A 102 14.65 7.24 13.38
N ALA A 103 13.80 7.82 12.54
CA ALA A 103 14.28 8.43 11.30
C ALA A 103 14.04 9.92 11.27
N ASP A 104 15.12 10.68 11.28
CA ASP A 104 15.04 12.14 11.27
C ASP A 104 13.80 12.61 10.50
N GLN A 105 13.11 13.60 11.05
CA GLN A 105 11.92 14.13 10.41
C GLN A 105 12.19 14.52 8.96
N GLY A 106 13.45 14.80 8.66
CA GLY A 106 13.83 15.16 7.32
C GLY A 106 13.39 14.06 6.38
N THR A 107 14.01 12.89 6.51
CA THR A 107 13.64 11.77 5.66
C THR A 107 12.15 11.49 5.89
N ILE A 108 11.61 11.89 7.05
CA ILE A 108 10.21 11.66 7.29
C ILE A 108 9.32 12.55 6.42
N LEU A 109 9.24 13.86 6.67
CA LEU A 109 8.35 14.66 5.81
C LEU A 109 8.60 14.28 4.38
N ALA A 110 9.87 14.09 4.02
CA ALA A 110 10.20 13.71 2.67
C ALA A 110 9.54 12.37 2.33
N LEU A 111 9.90 11.34 3.09
CA LEU A 111 9.35 10.00 2.88
C LEU A 111 7.92 10.05 2.37
N VAL A 112 7.06 10.70 3.15
CA VAL A 112 5.66 10.79 2.82
C VAL A 112 5.34 11.53 1.53
N GLY A 113 5.80 12.77 1.43
CA GLY A 113 5.50 13.54 0.23
C GLY A 113 5.94 12.77 -0.98
N ALA A 114 7.10 12.11 -0.86
CA ALA A 114 7.63 11.30 -1.95
C ALA A 114 6.57 10.26 -2.27
N ASP A 115 5.91 9.74 -1.22
CA ASP A 115 4.81 8.77 -1.34
C ASP A 115 3.64 9.47 -2.02
N GLY A 116 3.01 10.35 -1.23
CA GLY A 116 1.86 11.11 -1.67
C GLY A 116 1.83 11.33 -3.16
N ILE A 117 2.82 12.07 -3.66
CA ILE A 117 2.92 12.40 -5.08
C ILE A 117 2.96 11.21 -6.02
N MET A 118 3.32 10.07 -5.47
CA MET A 118 3.37 8.85 -6.25
C MET A 118 1.94 8.35 -6.53
N ILE A 119 1.10 8.33 -5.49
CA ILE A 119 -0.28 7.86 -5.65
C ILE A 119 -1.13 8.87 -6.36
N GLY A 120 -1.03 10.11 -5.94
CA GLY A 120 -1.79 11.13 -6.61
C GLY A 120 -1.62 10.95 -8.12
N THR A 121 -0.44 11.24 -8.65
CA THR A 121 -0.16 11.10 -10.09
C THR A 121 -0.66 9.75 -10.59
N GLY A 122 -0.56 8.74 -9.74
CA GLY A 122 -1.05 7.41 -10.11
C GLY A 122 -2.48 7.65 -10.55
N LEU A 123 -3.24 8.24 -9.65
CA LEU A 123 -4.64 8.61 -9.87
C LEU A 123 -4.85 9.34 -11.22
N VAL A 124 -4.12 10.45 -11.44
CA VAL A 124 -4.23 11.24 -12.68
C VAL A 124 -4.12 10.35 -13.91
N GLY A 125 -3.01 9.61 -13.97
CA GLY A 125 -2.79 8.74 -15.09
C GLY A 125 -3.66 7.53 -14.95
N ALA A 126 -4.50 7.55 -13.92
CA ALA A 126 -5.41 6.45 -13.66
C ALA A 126 -6.86 6.76 -14.06
N LEU A 127 -7.08 7.89 -14.70
CA LEU A 127 -8.42 8.27 -15.12
C LEU A 127 -8.45 9.04 -16.47
N THR A 128 -7.27 9.46 -16.95
CA THR A 128 -7.11 10.21 -18.20
C THR A 128 -7.69 9.53 -19.47
N LYS A 129 -8.35 10.30 -20.35
CA LYS A 129 -8.99 9.77 -21.56
C LYS A 129 -8.18 9.80 -22.85
N VAL A 130 -6.85 9.81 -22.75
CA VAL A 130 -5.99 9.80 -23.94
C VAL A 130 -5.17 8.55 -23.79
N TYR A 131 -5.38 7.59 -24.68
CA TYR A 131 -4.63 6.37 -24.53
C TYR A 131 -3.13 6.58 -24.50
N SER A 132 -2.68 7.79 -24.82
CA SER A 132 -1.25 8.03 -24.82
C SER A 132 -0.70 8.98 -23.74
N TYR A 133 -1.57 9.51 -22.89
CA TYR A 133 -1.10 10.42 -21.85
C TYR A 133 -0.95 9.74 -20.49
N ARG A 134 -1.54 8.57 -20.33
CA ARG A 134 -1.41 7.83 -19.09
C ARG A 134 0.10 7.63 -18.89
N PHE A 135 0.57 6.45 -19.31
CA PHE A 135 1.96 6.01 -19.22
C PHE A 135 3.01 7.05 -18.82
N VAL A 136 2.87 8.29 -19.30
CA VAL A 136 3.83 9.33 -18.92
C VAL A 136 3.70 9.54 -17.43
N TRP A 137 2.47 9.71 -16.97
CA TRP A 137 2.15 9.89 -15.56
C TRP A 137 2.68 8.66 -14.80
N TRP A 138 2.61 7.51 -15.43
CA TRP A 138 3.10 6.29 -14.83
C TRP A 138 4.58 6.42 -14.53
N ALA A 139 5.29 7.14 -15.39
CA ALA A 139 6.73 7.32 -15.18
C ALA A 139 6.98 8.11 -13.92
N ILE A 140 6.46 9.32 -13.88
CA ILE A 140 6.64 10.18 -12.74
C ILE A 140 6.29 9.46 -11.44
N SER A 141 5.31 8.56 -11.49
CA SER A 141 4.93 7.86 -10.27
C SER A 141 5.97 6.85 -9.85
N THR A 142 6.30 5.94 -10.74
CA THR A 142 7.32 4.98 -10.44
C THR A 142 8.53 5.81 -10.05
N ALA A 143 9.02 6.59 -11.01
CA ALA A 143 10.15 7.46 -10.82
C ALA A 143 10.25 7.86 -9.36
N ALA A 144 9.14 8.34 -8.83
CA ALA A 144 9.09 8.75 -7.43
C ALA A 144 9.23 7.61 -6.45
N MET A 145 8.49 6.53 -6.69
CA MET A 145 8.52 5.34 -5.83
C MET A 145 9.98 5.03 -5.50
N LEU A 146 10.73 4.83 -6.57
CA LEU A 146 12.13 4.52 -6.49
C LEU A 146 12.88 5.49 -5.58
N TYR A 147 12.28 6.63 -5.25
CA TYR A 147 12.99 7.55 -4.39
C TYR A 147 12.83 7.16 -2.92
N ILE A 148 11.66 6.69 -2.52
CA ILE A 148 11.51 6.30 -1.12
C ILE A 148 12.26 4.99 -1.01
N LEU A 149 11.99 4.09 -1.94
CA LEU A 149 12.65 2.79 -1.97
C LEU A 149 14.14 2.96 -1.65
N TYR A 150 14.79 3.83 -2.42
CA TYR A 150 16.20 4.09 -2.22
C TYR A 150 16.54 4.52 -0.78
N VAL A 151 15.94 5.64 -0.37
CA VAL A 151 16.16 6.17 0.96
C VAL A 151 15.86 5.10 2.00
N LEU A 152 15.08 4.10 1.61
CA LEU A 152 14.75 3.03 2.52
C LEU A 152 15.95 2.12 2.76
N PHE A 153 16.82 1.99 1.76
CA PHE A 153 18.00 1.14 1.89
C PHE A 153 19.16 1.89 2.47
N PHE A 154 20.03 2.32 1.55
CA PHE A 154 21.21 3.06 1.90
C PHE A 154 20.77 4.06 2.93
N GLY A 155 19.50 4.42 2.84
CA GLY A 155 18.94 5.41 3.75
C GLY A 155 18.77 5.01 5.20
N PHE A 156 17.69 4.30 5.52
CA PHE A 156 17.46 3.94 6.90
C PHE A 156 18.56 3.10 7.54
N THR A 157 19.68 2.88 6.84
CA THR A 157 20.77 2.13 7.46
C THR A 157 21.46 3.06 8.45
N SER A 158 20.83 3.11 9.61
CA SER A 158 21.21 3.88 10.78
C SER A 158 22.69 3.75 11.14
N LYS A 159 22.90 3.69 12.46
CA LYS A 159 24.19 3.51 13.12
C LYS A 159 23.72 2.68 14.33
N ALA A 160 23.30 1.44 14.06
CA ALA A 160 22.81 0.53 15.09
C ALA A 160 23.87 0.45 16.20
N GLU A 161 23.83 1.38 17.16
CA GLU A 161 24.84 1.42 18.22
C GLU A 161 24.29 1.26 19.63
N SER A 162 23.44 2.19 20.03
CA SER A 162 22.86 2.18 21.37
C SER A 162 21.50 1.49 21.45
N MET A 163 21.12 0.79 20.39
CA MET A 163 19.79 0.17 20.35
C MET A 163 19.63 -1.35 20.48
N ARG A 164 18.36 -1.73 20.55
CA ARG A 164 17.92 -3.11 20.66
C ARG A 164 18.62 -3.91 19.58
N PRO A 165 19.62 -4.69 19.99
CA PRO A 165 20.36 -5.48 19.00
C PRO A 165 19.40 -6.50 18.40
N GLU A 166 18.11 -6.24 18.58
CA GLU A 166 17.07 -7.10 18.06
C GLU A 166 16.35 -6.49 16.86
N VAL A 167 16.21 -5.15 16.86
CA VAL A 167 15.51 -4.47 15.76
C VAL A 167 15.93 -4.98 14.39
N ALA A 168 17.21 -4.77 14.08
CA ALA A 168 17.79 -5.20 12.83
C ALA A 168 16.83 -6.12 12.07
N SER A 169 16.87 -7.41 12.38
CA SER A 169 15.99 -8.38 11.73
C SER A 169 14.59 -7.80 11.60
N THR A 170 13.91 -7.67 12.72
CA THR A 170 12.55 -7.14 12.73
C THR A 170 12.47 -6.04 11.70
N PHE A 171 13.57 -5.30 11.50
CA PHE A 171 13.51 -4.23 10.52
C PHE A 171 13.64 -4.74 9.10
N LYS A 172 14.81 -5.30 8.79
CA LYS A 172 15.11 -5.81 7.46
C LYS A 172 14.16 -6.88 6.94
N VAL A 173 13.33 -7.43 7.82
CA VAL A 173 12.41 -8.46 7.38
C VAL A 173 11.17 -7.80 6.79
N LEU A 174 10.88 -6.59 7.24
CA LEU A 174 9.75 -5.83 6.71
C LEU A 174 10.35 -4.99 5.58
N ARG A 175 11.57 -4.52 5.82
CA ARG A 175 12.29 -3.71 4.85
C ARG A 175 12.57 -4.51 3.58
N ASN A 176 12.41 -5.83 3.68
CA ASN A 176 12.62 -6.70 2.55
C ASN A 176 11.25 -7.06 2.01
N VAL A 177 10.23 -6.93 2.86
CA VAL A 177 8.84 -7.21 2.46
C VAL A 177 8.20 -5.99 1.83
N THR A 178 8.85 -4.84 1.95
CA THR A 178 8.30 -3.67 1.30
C THR A 178 8.90 -3.56 -0.09
N VAL A 179 10.22 -3.71 -0.17
CA VAL A 179 10.90 -3.58 -1.45
C VAL A 179 10.40 -4.55 -2.50
N VAL A 180 9.98 -5.72 -2.06
CA VAL A 180 9.51 -6.75 -2.96
C VAL A 180 8.04 -6.64 -3.30
N LEU A 181 7.24 -6.57 -2.24
CA LEU A 181 5.80 -6.52 -2.39
C LEU A 181 5.32 -5.28 -3.08
N TRP A 182 5.90 -4.14 -2.70
CA TRP A 182 5.51 -2.85 -3.28
C TRP A 182 5.85 -2.75 -4.76
N SER A 183 7.11 -3.02 -5.10
CA SER A 183 7.60 -2.91 -6.48
C SER A 183 6.78 -3.68 -7.52
N ALA A 184 5.76 -4.39 -7.08
CA ALA A 184 4.94 -5.17 -8.00
C ALA A 184 3.82 -4.38 -8.65
N TYR A 185 3.32 -3.37 -7.94
CA TYR A 185 2.20 -2.54 -8.41
C TYR A 185 2.36 -1.88 -9.75
N PRO A 186 3.46 -1.12 -9.95
CA PRO A 186 3.62 -0.47 -11.27
C PRO A 186 3.54 -1.50 -12.39
N VAL A 187 4.07 -2.70 -12.10
CA VAL A 187 4.16 -3.85 -13.00
C VAL A 187 2.86 -4.50 -13.46
N VAL A 188 1.84 -4.44 -12.60
CA VAL A 188 0.50 -4.99 -12.87
C VAL A 188 -0.37 -3.86 -13.43
N TRP A 189 -0.32 -2.72 -12.74
CA TRP A 189 -1.07 -1.54 -13.13
C TRP A 189 -0.67 -1.27 -14.57
N LEU A 190 0.61 -1.54 -14.84
CA LEU A 190 1.24 -1.36 -16.14
C LEU A 190 0.58 -2.08 -17.31
N ILE A 191 0.23 -3.36 -17.10
CA ILE A 191 -0.40 -4.22 -18.11
C ILE A 191 -1.81 -4.66 -17.73
N GLY A 192 -2.25 -4.24 -16.56
CA GLY A 192 -3.56 -4.64 -16.07
C GLY A 192 -4.73 -4.32 -16.97
N SER A 193 -5.75 -3.70 -16.39
CA SER A 193 -6.94 -3.34 -17.13
C SER A 193 -6.85 -1.95 -17.70
N GLU A 194 -5.80 -1.24 -17.31
CA GLU A 194 -5.63 0.14 -17.76
C GLU A 194 -4.28 0.40 -18.41
N GLY A 195 -3.37 -0.54 -18.26
CA GLY A 195 -2.08 -0.36 -18.88
C GLY A 195 -2.18 -0.75 -20.32
N ALA A 196 -1.87 -2.02 -20.58
CA ALA A 196 -1.86 -2.54 -21.95
C ALA A 196 -3.08 -3.31 -22.34
N GLY A 197 -3.85 -3.74 -21.36
CA GLY A 197 -5.03 -4.50 -21.71
C GLY A 197 -4.66 -5.96 -21.91
N ILE A 198 -3.54 -6.33 -21.31
CA ILE A 198 -3.10 -7.70 -21.39
C ILE A 198 -3.99 -8.40 -20.36
N VAL A 199 -3.53 -8.48 -19.12
CA VAL A 199 -4.30 -9.15 -18.06
C VAL A 199 -5.57 -8.39 -17.69
N PRO A 200 -6.75 -8.97 -17.96
CA PRO A 200 -8.00 -8.30 -17.61
C PRO A 200 -8.28 -8.32 -16.09
N LEU A 201 -9.15 -7.40 -15.66
CA LEU A 201 -9.53 -7.23 -14.26
C LEU A 201 -9.52 -8.48 -13.35
N ASN A 202 -10.38 -9.45 -13.66
CA ASN A 202 -10.49 -10.69 -12.88
C ASN A 202 -9.18 -11.12 -12.24
N ILE A 203 -8.20 -11.45 -13.09
CA ILE A 203 -6.90 -11.91 -12.61
C ILE A 203 -6.11 -10.78 -11.94
N GLU A 204 -6.14 -9.60 -12.56
CA GLU A 204 -5.44 -8.44 -12.04
C GLU A 204 -5.93 -8.22 -10.65
N THR A 205 -7.22 -7.93 -10.54
CA THR A 205 -7.84 -7.68 -9.24
C THR A 205 -7.36 -8.67 -8.16
N LEU A 206 -7.09 -9.92 -8.56
CA LEU A 206 -6.62 -10.92 -7.59
C LEU A 206 -5.16 -10.72 -7.37
N LEU A 207 -4.47 -10.40 -8.44
CA LEU A 207 -3.06 -10.16 -8.33
C LEU A 207 -2.94 -9.03 -7.33
N PHE A 208 -3.92 -8.14 -7.38
CA PHE A 208 -3.92 -6.97 -6.53
C PHE A 208 -4.24 -7.18 -5.06
N MET A 209 -5.12 -8.13 -4.73
CA MET A 209 -5.45 -8.37 -3.32
C MET A 209 -4.40 -9.18 -2.54
N VAL A 210 -3.75 -10.13 -3.21
CA VAL A 210 -2.69 -10.94 -2.56
C VAL A 210 -1.53 -10.02 -2.30
N LEU A 211 -1.48 -8.98 -3.12
CA LEU A 211 -0.45 -7.96 -3.05
C LEU A 211 -0.74 -7.05 -1.87
N ASP A 212 -2.01 -6.81 -1.64
CA ASP A 212 -2.45 -5.96 -0.54
C ASP A 212 -2.25 -6.68 0.78
N VAL A 213 -3.05 -7.71 1.05
CA VAL A 213 -2.97 -8.47 2.29
C VAL A 213 -1.54 -8.73 2.72
N SER A 214 -0.80 -9.46 1.89
CA SER A 214 0.60 -9.78 2.20
C SER A 214 1.34 -8.50 2.54
N ALA A 215 0.67 -7.38 2.33
CA ALA A 215 1.28 -6.11 2.62
C ALA A 215 0.75 -5.55 3.96
N LYS A 216 -0.51 -5.82 4.31
CA LYS A 216 -1.09 -5.31 5.57
C LYS A 216 -1.36 -6.39 6.62
N VAL A 217 -2.51 -7.07 6.53
CA VAL A 217 -2.81 -8.14 7.48
C VAL A 217 -1.50 -8.79 7.93
N GLY A 218 -0.83 -9.42 6.97
CA GLY A 218 0.44 -10.05 7.24
C GLY A 218 1.45 -9.06 7.82
N PHE A 219 1.73 -7.98 7.10
CA PHE A 219 2.70 -6.99 7.59
C PHE A 219 2.59 -6.83 9.10
N GLY A 220 1.67 -5.96 9.51
CA GLY A 220 1.46 -5.71 10.93
C GLY A 220 1.81 -6.90 11.82
N LEU A 221 1.35 -8.10 11.46
CA LEU A 221 1.69 -9.26 12.26
C LEU A 221 3.21 -9.34 12.30
N ILE A 222 3.82 -9.54 11.12
CA ILE A 222 5.26 -9.66 10.97
C ILE A 222 6.03 -8.68 11.88
N LEU A 223 5.32 -7.73 12.48
CA LEU A 223 5.95 -6.75 13.35
C LEU A 223 5.52 -6.85 14.83
N LEU A 224 4.24 -6.61 15.11
CA LEU A 224 3.74 -6.62 16.51
C LEU A 224 3.99 -7.94 17.26
N ARG A 225 4.23 -9.03 16.53
CA ARG A 225 4.52 -10.29 17.18
C ARG A 225 5.89 -10.04 17.79
N SER A 226 6.74 -9.37 17.03
CA SER A 226 8.09 -9.06 17.48
C SER A 226 8.08 -7.90 18.43
N ARG A 227 9.22 -7.72 19.10
CA ARG A 227 9.38 -6.63 20.04
C ARG A 227 9.79 -5.39 19.25
#